data_8BK4
#
_entry.id   8BK4
#
_cell.length_a   42.493
_cell.length_b   57.529
_cell.length_c   67.712
_cell.angle_alpha   90
_cell.angle_beta   90
_cell.angle_gamma   90
#
_symmetry.space_group_name_H-M   'P 21 21 21'
#
loop_
_entity.id
_entity.type
_entity.pdbx_description
1 polymer 'Macrophage infectivity potentiator'
2 non-polymer GLYCEROL
3 non-polymer (1~{S},5~{S},6~{R})-10-[3,5-bis(chloranyl)phenyl]sulfonyl-5-(hydroxymethyl)-3-[(1~{S})-1-pyridin-2-ylethyl]-3,10-diazabicyclo[4.3.1]decan-2-one
4 non-polymer 'PHOSPHATE ION'
5 water water
#
_entity_poly.entity_id   1
_entity_poly.type   'polypeptide(L)'
_entity_poly.pdbx_seq_one_letter_code
;DAASHEERMNNYRKRVGRLFMEQKAAQPDAVKLPSGLVFQRIARGSGKRAPAIDDKCEVHYTGRLRDGTVFDSSRERGKP
TTFRPNEVIKGWTEALQLMREGDRWRLFIPYDLAYGVTGGGGMIPPYSPLEFDVELISIKDGGKGRTAEEVDEILRKAEE
DRE
;
_entity_poly.pdbx_strand_id   A
#
loop_
_chem_comp.id
_chem_comp.type
_chem_comp.name
_chem_comp.formula
GOL non-polymer GLYCEROL 'C3 H8 O3'
PO4 non-polymer 'PHOSPHATE ION' 'O4 P -3'
WRL non-polymer (1~{S},5~{S},6~{R})-10-[3,5-bis(chloranyl)phenyl]sulfonyl-5-(hydroxymethyl)-3-[(1~{S})-1-pyridin-2-ylethyl]-3,10-diazabicyclo[4.3.1]decan-2-one 'C22 H25 Cl2 N3 O4 S'
#
# COMPACT_ATOMS: atom_id res chain seq x y z
N ASP A 1 -19.92 -18.70 23.23
CA ASP A 1 -20.03 -17.42 23.91
C ASP A 1 -19.36 -16.30 23.08
N ALA A 2 -19.64 -15.05 23.43
CA ALA A 2 -19.17 -13.94 22.60
C ALA A 2 -17.65 -13.94 22.46
N ALA A 3 -16.94 -14.29 23.53
CA ALA A 3 -15.45 -14.31 23.56
C ALA A 3 -14.93 -15.43 22.65
N SER A 4 -15.54 -16.62 22.64
CA SER A 4 -15.13 -17.68 21.74
C SER A 4 -15.54 -17.33 20.31
N HIS A 5 -16.64 -16.59 20.15
CA HIS A 5 -17.05 -16.20 18.80
C HIS A 5 -16.10 -15.16 18.22
N GLU A 6 -15.67 -14.22 19.05
CA GLU A 6 -14.65 -13.25 18.63
C GLU A 6 -13.38 -13.96 18.16
N GLU A 7 -12.92 -14.96 18.91
CA GLU A 7 -11.72 -15.71 18.50
C GLU A 7 -11.94 -16.42 17.17
N ARG A 8 -13.11 -17.04 16.99
CA ARG A 8 -13.40 -17.74 15.76
C ARG A 8 -13.39 -16.76 14.59
N MET A 9 -13.99 -15.59 14.79
CA MET A 9 -14.10 -14.66 13.68
C MET A 9 -12.74 -14.07 13.33
N ASN A 10 -11.90 -13.83 14.32
CA ASN A 10 -10.56 -13.37 14.01
C ASN A 10 -9.73 -14.44 13.32
N ASN A 11 -9.93 -15.71 13.68
CA ASN A 11 -9.24 -16.76 12.94
C ASN A 11 -9.73 -16.80 11.50
N TYR A 12 -11.04 -16.60 11.31
CA TYR A 12 -11.61 -16.52 9.97
C TYR A 12 -10.99 -15.36 9.21
N ARG A 13 -10.99 -14.16 9.79
CA ARG A 13 -10.46 -13.00 9.08
C ARG A 13 -9.00 -13.21 8.70
N LYS A 14 -8.19 -13.74 9.63
CA LYS A 14 -6.79 -14.04 9.36
C LYS A 14 -6.66 -15.01 8.19
N ARG A 15 -7.48 -16.05 8.16
CA ARG A 15 -7.36 -17.07 7.11
C ARG A 15 -7.73 -16.50 5.75
N VAL A 16 -8.87 -15.82 5.65
CA VAL A 16 -9.32 -15.36 4.34
C VAL A 16 -8.48 -14.17 3.88
N GLY A 17 -7.94 -13.39 4.81
CA GLY A 17 -7.02 -12.34 4.43
C GLY A 17 -5.73 -12.88 3.83
N ARG A 18 -5.21 -13.95 4.44
CA ARG A 18 -4.04 -14.62 3.88
C ARG A 18 -4.35 -15.12 2.48
N LEU A 19 -5.52 -15.70 2.27
CA LEU A 19 -5.88 -16.19 0.93
C LEU A 19 -5.87 -15.04 -0.06
N PHE A 20 -6.46 -13.92 0.32
CA PHE A 20 -6.51 -12.76 -0.55
C PHE A 20 -5.10 -12.34 -0.95
N MET A 21 -4.22 -12.22 0.01
CA MET A 21 -2.82 -11.77 -0.22
C MET A 21 -2.08 -12.79 -1.09
N GLU A 22 -2.32 -14.09 -0.95
CA GLU A 22 -1.65 -15.06 -1.80
C GLU A 22 -2.15 -14.96 -3.23
N GLN A 23 -3.45 -14.74 -3.40
CA GLN A 23 -4.02 -14.57 -4.72
C GLN A 23 -3.45 -13.33 -5.40
N LYS A 24 -3.36 -12.22 -4.67
CA LYS A 24 -2.85 -11.01 -5.31
C LYS A 24 -1.36 -11.16 -5.64
N ALA A 25 -0.60 -11.79 -4.76
CA ALA A 25 0.82 -11.99 -5.05
C ALA A 25 1.03 -12.90 -6.27
N ALA A 26 0.09 -13.80 -6.55
CA ALA A 26 0.23 -14.75 -7.64
C ALA A 26 -0.09 -14.15 -9.00
N GLN A 27 -0.65 -12.95 -9.06
CA GLN A 27 -0.97 -12.34 -10.33
C GLN A 27 0.30 -12.23 -11.18
N PRO A 28 0.20 -12.49 -12.50
CA PRO A 28 1.42 -12.59 -13.31
C PRO A 28 2.33 -11.38 -13.26
N ASP A 29 1.79 -10.18 -13.10
CA ASP A 29 2.59 -8.96 -13.09
C ASP A 29 2.71 -8.33 -11.72
N ALA A 30 2.33 -9.04 -10.66
CA ALA A 30 2.49 -8.52 -9.32
C ALA A 30 3.90 -8.75 -8.83
N VAL A 31 4.37 -7.82 -8.00
CA VAL A 31 5.70 -7.84 -7.40
C VAL A 31 5.53 -7.89 -5.89
N LYS A 32 6.25 -8.80 -5.23
CA LYS A 32 6.19 -8.96 -3.78
C LYS A 32 7.53 -8.57 -3.16
N LEU A 33 7.48 -7.64 -2.23
CA LEU A 33 8.68 -7.20 -1.54
C LEU A 33 8.90 -8.05 -0.32
N PRO A 34 10.12 -8.03 0.24
CA PRO A 34 10.40 -8.87 1.42
C PRO A 34 9.46 -8.65 2.61
N SER A 35 8.94 -7.45 2.81
CA SER A 35 8.02 -7.19 3.91
C SER A 35 6.68 -7.90 3.78
N GLY A 36 6.33 -8.37 2.57
CA GLY A 36 5.01 -8.88 2.26
C GLY A 36 4.12 -7.93 1.50
N LEU A 37 4.56 -6.68 1.35
CA LEU A 37 3.84 -5.75 0.48
C LEU A 37 3.87 -6.27 -0.95
N VAL A 38 2.72 -6.21 -1.61
CA VAL A 38 2.57 -6.60 -3.01
C VAL A 38 2.10 -5.39 -3.81
N PHE A 39 2.65 -5.22 -5.02
CA PHE A 39 2.14 -4.15 -5.87
C PHE A 39 2.10 -4.57 -7.33
N GLN A 40 1.23 -3.89 -8.08
CA GLN A 40 1.23 -3.91 -9.53
C GLN A 40 1.43 -2.49 -10.02
N ARG A 41 2.30 -2.30 -10.98
CA ARG A 41 2.44 -0.99 -11.59
C ARG A 41 1.32 -0.74 -12.59
N ILE A 42 0.69 0.42 -12.45
CA ILE A 42 -0.29 0.88 -13.42
C ILE A 42 0.31 1.88 -14.40
N ALA A 43 1.10 2.81 -13.92
CA ALA A 43 1.76 3.82 -14.76
C ALA A 43 3.14 4.11 -14.20
N ARG A 44 4.07 4.45 -15.11
CA ARG A 44 5.41 4.87 -14.74
C ARG A 44 5.51 6.37 -14.90
N GLY A 45 5.99 7.04 -13.85
CA GLY A 45 6.15 8.47 -13.87
C GLY A 45 7.50 8.90 -14.37
N SER A 46 7.60 10.19 -14.66
CA SER A 46 8.82 10.80 -15.17
C SER A 46 9.73 11.32 -14.07
N GLY A 47 9.28 11.33 -12.81
CA GLY A 47 10.13 11.83 -11.74
C GLY A 47 11.40 11.02 -11.57
N LYS A 48 12.43 11.65 -10.98
CA LYS A 48 13.73 11.00 -10.82
C LYS A 48 14.11 10.74 -9.35
N ARG A 49 13.28 11.13 -8.39
CA ARG A 49 13.58 10.89 -7.00
C ARG A 49 12.32 10.39 -6.29
N ALA A 50 12.49 9.48 -5.38
CA ALA A 50 11.44 9.11 -4.47
C ALA A 50 11.48 9.99 -3.23
N PRO A 51 10.36 10.11 -2.52
CA PRO A 51 10.37 10.90 -1.29
C PRO A 51 11.19 10.24 -0.18
N ALA A 52 11.81 11.10 0.63
CA ALA A 52 12.37 10.63 1.89
C ALA A 52 11.26 10.39 2.90
N ILE A 53 11.64 9.84 4.05
CA ILE A 53 10.69 9.44 5.08
C ILE A 53 9.81 10.62 5.52
N ASP A 54 10.33 11.84 5.44
CA ASP A 54 9.63 13.02 5.94
C ASP A 54 9.22 14.00 4.83
N ASP A 55 9.32 13.60 3.57
CA ASP A 55 8.91 14.48 2.49
C ASP A 55 7.39 14.50 2.38
N LYS A 56 6.85 15.67 2.09
CA LYS A 56 5.41 15.85 1.95
C LYS A 56 5.00 15.47 0.52
N CYS A 57 4.06 14.51 0.40
CA CYS A 57 3.68 13.94 -0.89
C CYS A 57 2.20 14.21 -1.14
N GLU A 58 1.86 14.73 -2.32
CA GLU A 58 0.46 14.79 -2.72
C GLU A 58 0.12 13.48 -3.44
N VAL A 59 -0.88 12.75 -2.92
CA VAL A 59 -1.23 11.43 -3.42
C VAL A 59 -2.70 11.43 -3.80
N HIS A 60 -2.99 10.87 -4.96
CA HIS A 60 -4.38 10.66 -5.39
C HIS A 60 -4.66 9.17 -5.24
N TYR A 61 -5.59 8.83 -4.36
CA TYR A 61 -5.76 7.43 -4.00
C TYR A 61 -7.22 7.02 -3.87
N THR A 62 -7.42 5.72 -3.96
CA THR A 62 -8.66 5.06 -3.65
C THR A 62 -8.33 3.82 -2.85
N GLY A 63 -9.03 3.60 -1.74
CA GLY A 63 -8.80 2.47 -0.87
C GLY A 63 -9.97 1.52 -0.93
N ARG A 64 -9.69 0.21 -1.01
CA ARG A 64 -10.72 -0.83 -1.08
C ARG A 64 -10.46 -1.90 -0.02
N LEU A 65 -11.55 -2.47 0.50
CA LEU A 65 -11.44 -3.64 1.36
C LEU A 65 -11.29 -4.89 0.49
N ARG A 66 -11.07 -6.05 1.13
CA ARG A 66 -10.73 -7.24 0.35
C ARG A 66 -11.90 -7.76 -0.48
N ASP A 67 -13.13 -7.32 -0.19
CA ASP A 67 -14.25 -7.68 -1.05
C ASP A 67 -14.36 -6.77 -2.26
N GLY A 68 -13.54 -5.72 -2.33
CA GLY A 68 -13.54 -4.78 -3.43
C GLY A 68 -14.26 -3.47 -3.17
N THR A 69 -14.89 -3.32 -2.01
CA THR A 69 -15.68 -2.12 -1.72
C THR A 69 -14.77 -0.94 -1.39
N VAL A 70 -15.02 0.20 -2.05
CA VAL A 70 -14.27 1.41 -1.78
C VAL A 70 -14.69 1.94 -0.41
N PHE A 71 -13.70 2.27 0.41
CA PHE A 71 -13.97 2.84 1.73
C PHE A 71 -13.39 4.23 1.95
N ASP A 72 -12.51 4.71 1.06
CA ASP A 72 -11.97 6.05 1.16
C ASP A 72 -11.32 6.38 -0.18
N SER A 73 -11.21 7.68 -0.45
CA SER A 73 -10.61 8.13 -1.69
C SER A 73 -10.37 9.63 -1.61
N SER A 74 -9.39 10.07 -2.39
CA SER A 74 -9.17 11.50 -2.58
C SER A 74 -10.43 12.20 -3.08
N ARG A 75 -11.15 11.58 -4.02
CA ARG A 75 -12.37 12.17 -4.58
C ARG A 75 -13.36 12.52 -3.49
N GLU A 76 -13.51 11.66 -2.48
CA GLU A 76 -14.46 11.90 -1.42
C GLU A 76 -13.99 12.99 -0.46
N ARG A 77 -12.70 13.26 -0.42
CA ARG A 77 -12.15 14.24 0.50
C ARG A 77 -12.21 15.65 -0.05
N GLY A 78 -12.22 15.81 -1.38
CA GLY A 78 -12.36 17.12 -1.98
C GLY A 78 -11.07 17.91 -2.05
N LYS A 79 -10.42 18.11 -0.91
CA LYS A 79 -9.15 18.81 -0.90
C LYS A 79 -8.03 17.85 -1.28
N PRO A 80 -6.87 18.39 -1.68
CA PRO A 80 -5.74 17.51 -1.99
C PRO A 80 -5.28 16.75 -0.74
N THR A 81 -5.03 15.46 -0.90
CA THR A 81 -4.62 14.62 0.21
C THR A 81 -3.10 14.48 0.19
N THR A 82 -2.48 15.05 1.20
CA THR A 82 -1.03 15.08 1.34
C THR A 82 -0.62 14.30 2.58
N PHE A 83 0.51 13.58 2.45
CA PHE A 83 1.03 12.74 3.52
C PHE A 83 2.56 12.70 3.45
N ARG A 84 3.18 12.58 4.60
CA ARG A 84 4.56 12.16 4.65
C ARG A 84 4.60 10.65 4.86
N PRO A 85 5.61 9.96 4.33
CA PRO A 85 5.69 8.52 4.54
C PRO A 85 5.63 8.16 6.02
N ASN A 86 6.20 8.98 6.90
CA ASN A 86 6.23 8.65 8.32
C ASN A 86 4.92 8.89 9.05
N GLU A 87 3.86 9.31 8.36
CA GLU A 87 2.55 9.56 8.96
C GLU A 87 1.56 8.43 8.70
N VAL A 88 1.87 7.55 7.77
CA VAL A 88 0.88 6.62 7.22
C VAL A 88 1.22 5.18 7.60
N ILE A 89 0.29 4.28 7.29
CA ILE A 89 0.51 2.85 7.56
C ILE A 89 1.77 2.35 6.84
N LYS A 90 2.39 1.31 7.44
CA LYS A 90 3.70 0.86 6.96
C LYS A 90 3.72 0.47 5.48
N GLY A 91 2.64 -0.10 4.96
CA GLY A 91 2.64 -0.44 3.56
C GLY A 91 2.74 0.78 2.67
N TRP A 92 2.07 1.88 3.07
CA TRP A 92 2.23 3.13 2.35
C TRP A 92 3.61 3.75 2.58
N THR A 93 4.12 3.69 3.81
CA THR A 93 5.46 4.21 4.07
C THR A 93 6.45 3.59 3.11
N GLU A 94 6.36 2.27 2.95
CA GLU A 94 7.32 1.54 2.13
C GLU A 94 7.10 1.84 0.66
N ALA A 95 5.85 1.79 0.20
CA ALA A 95 5.57 2.04 -1.20
C ALA A 95 5.97 3.44 -1.62
N LEU A 96 5.61 4.46 -0.84
CA LEU A 96 5.88 5.82 -1.26
C LEU A 96 7.36 6.03 -1.49
N GLN A 97 8.20 5.40 -0.66
CA GLN A 97 9.64 5.58 -0.74
C GLN A 97 10.27 4.83 -1.91
N LEU A 98 9.47 4.10 -2.67
CA LEU A 98 9.87 3.41 -3.89
C LEU A 98 9.16 3.95 -5.11
N MET A 99 8.40 5.04 -4.98
CA MET A 99 7.67 5.68 -6.05
C MET A 99 8.26 7.05 -6.35
N ARG A 100 8.18 7.42 -7.62
CA ARG A 100 8.55 8.74 -8.11
C ARG A 100 7.30 9.45 -8.64
N GLU A 101 7.43 10.77 -8.81
CA GLU A 101 6.31 11.54 -9.32
C GLU A 101 5.81 10.97 -10.64
N GLY A 102 4.50 10.79 -10.72
CA GLY A 102 3.83 10.23 -11.85
C GLY A 102 3.59 8.74 -11.79
N ASP A 103 4.26 8.03 -10.87
CA ASP A 103 3.99 6.62 -10.68
C ASP A 103 2.58 6.43 -10.18
N ARG A 104 1.92 5.39 -10.70
CA ARG A 104 0.62 4.95 -10.20
C ARG A 104 0.72 3.45 -9.98
N TRP A 105 0.48 3.01 -8.75
CA TRP A 105 0.60 1.61 -8.36
C TRP A 105 -0.68 1.14 -7.69
N ARG A 106 -0.94 -0.15 -7.85
CA ARG A 106 -1.96 -0.83 -7.07
C ARG A 106 -1.24 -1.58 -5.95
N LEU A 107 -1.59 -1.28 -4.71
CA LEU A 107 -0.98 -1.90 -3.53
C LEU A 107 -1.93 -2.90 -2.93
N PHE A 108 -1.38 -4.01 -2.50
CA PHE A 108 -2.09 -5.00 -1.71
C PHE A 108 -1.28 -5.14 -0.44
N ILE A 109 -1.85 -4.70 0.66
CA ILE A 109 -1.12 -4.50 1.91
C ILE A 109 -1.62 -5.54 2.90
N PRO A 110 -0.77 -6.45 3.37
CA PRO A 110 -1.21 -7.40 4.41
C PRO A 110 -1.53 -6.67 5.70
N TYR A 111 -2.36 -7.31 6.52
CA TYR A 111 -2.88 -6.63 7.69
C TYR A 111 -1.75 -6.12 8.59
N ASP A 112 -0.62 -6.84 8.68
CA ASP A 112 0.44 -6.43 9.60
C ASP A 112 1.18 -5.18 9.14
N LEU A 113 0.97 -4.75 7.90
CA LEU A 113 1.52 -3.50 7.38
C LEU A 113 0.43 -2.46 7.22
N ALA A 114 -0.76 -2.76 7.78
CA ALA A 114 -1.89 -1.84 7.73
C ALA A 114 -2.32 -1.57 9.16
N TYR A 115 -3.56 -1.88 9.52
CA TYR A 115 -4.09 -1.61 10.85
C TYR A 115 -4.05 -2.82 11.79
N GLY A 116 -3.42 -3.91 11.36
CA GLY A 116 -3.06 -4.96 12.31
C GLY A 116 -4.27 -5.62 12.90
N VAL A 117 -4.14 -6.05 14.16
CA VAL A 117 -5.26 -6.66 14.88
C VAL A 117 -6.28 -5.64 15.38
N THR A 118 -5.93 -4.35 15.36
CA THR A 118 -6.82 -3.32 15.87
C THR A 118 -7.88 -2.93 14.86
N GLY A 119 -7.52 -2.82 13.58
CA GLY A 119 -8.44 -2.23 12.63
C GLY A 119 -8.43 -0.72 12.76
N GLY A 120 -9.36 -0.08 12.08
CA GLY A 120 -9.34 1.37 12.11
C GLY A 120 -10.58 2.09 11.61
N GLY A 121 -10.80 3.29 12.16
CA GLY A 121 -11.80 4.24 11.67
C GLY A 121 -13.23 3.75 11.63
N GLY A 122 -13.50 2.61 12.28
CA GLY A 122 -14.84 2.05 12.29
C GLY A 122 -15.24 1.33 11.03
N MET A 123 -14.40 1.31 9.97
CA MET A 123 -14.76 0.59 8.77
C MET A 123 -13.73 -0.43 8.34
N ILE A 124 -12.56 -0.46 8.96
CA ILE A 124 -11.53 -1.45 8.64
C ILE A 124 -11.49 -2.45 9.79
N PRO A 125 -11.95 -3.69 9.60
CA PRO A 125 -11.99 -4.61 10.73
C PRO A 125 -10.61 -5.11 11.10
N PRO A 126 -10.47 -5.72 12.29
CA PRO A 126 -9.24 -6.44 12.62
C PRO A 126 -8.81 -7.39 11.51
N TYR A 127 -7.49 -7.53 11.35
CA TYR A 127 -6.87 -8.51 10.47
C TYR A 127 -7.20 -8.27 9.01
N SER A 128 -7.47 -7.03 8.61
CA SER A 128 -7.82 -6.79 7.20
C SER A 128 -6.60 -6.49 6.34
N PRO A 129 -6.41 -7.16 5.22
CA PRO A 129 -5.58 -6.59 4.17
C PRO A 129 -6.31 -5.43 3.52
N LEU A 130 -5.56 -4.58 2.82
CA LEU A 130 -6.13 -3.42 2.16
C LEU A 130 -5.60 -3.34 0.73
N GLU A 131 -6.46 -2.86 -0.16
CA GLU A 131 -6.08 -2.61 -1.55
C GLU A 131 -6.12 -1.10 -1.81
N PHE A 132 -5.09 -0.56 -2.43
CA PHE A 132 -5.07 0.86 -2.76
C PHE A 132 -4.67 1.04 -4.22
N ASP A 133 -5.28 2.03 -4.85
CA ASP A 133 -4.77 2.65 -6.08
C ASP A 133 -4.15 3.96 -5.65
N VAL A 134 -2.84 4.13 -5.89
CA VAL A 134 -2.06 5.25 -5.38
CA VAL A 134 -2.10 5.28 -5.40
C VAL A 134 -1.34 5.90 -6.56
N GLU A 135 -1.54 7.21 -6.74
CA GLU A 135 -0.79 7.98 -7.73
C GLU A 135 -0.05 9.10 -7.02
N LEU A 136 1.26 9.13 -7.19
CA LEU A 136 2.10 10.14 -6.55
C LEU A 136 2.12 11.34 -7.48
N ILE A 137 1.36 12.37 -7.10
CA ILE A 137 1.24 13.55 -7.94
C ILE A 137 2.50 14.39 -7.86
N SER A 138 2.99 14.65 -6.65
CA SER A 138 4.09 15.56 -6.43
C SER A 138 4.70 15.36 -5.05
N ILE A 139 6.00 15.63 -4.97
CA ILE A 139 6.73 15.67 -3.71
C ILE A 139 7.18 17.11 -3.49
N LYS A 140 6.81 17.70 -2.36
CA LYS A 140 7.17 19.09 -2.11
C LYS A 140 8.69 19.27 -2.11
N ASP A 141 9.15 20.19 -2.96
CA ASP A 141 10.57 20.54 -3.10
C ASP A 141 11.38 19.44 -3.80
N GLY A 142 10.72 18.44 -4.39
CA GLY A 142 11.30 17.60 -5.42
C GLY A 142 11.54 16.15 -5.04
N GLY A 143 11.77 15.88 -3.77
CA GLY A 143 12.13 14.53 -3.36
C GLY A 143 13.58 14.41 -2.92
N LYS A 144 13.79 13.98 -1.68
CA LYS A 144 15.12 13.88 -1.08
C LYS A 144 15.45 12.44 -0.69
N GLY A 145 14.66 11.48 -1.16
CA GLY A 145 14.89 10.09 -0.86
C GLY A 145 15.70 9.40 -1.94
N ARG A 146 15.35 8.17 -2.23
CA ARG A 146 16.13 7.34 -3.13
C ARG A 146 16.14 7.93 -4.53
N THR A 147 17.26 7.76 -5.22
CA THR A 147 17.32 8.05 -6.66
C THR A 147 16.53 6.97 -7.42
N ALA A 148 16.14 7.32 -8.65
CA ALA A 148 15.47 6.36 -9.50
C ALA A 148 16.32 5.12 -9.69
N GLU A 149 17.63 5.30 -9.83
CA GLU A 149 18.52 4.15 -9.97
C GLU A 149 18.44 3.23 -8.74
N GLU A 150 18.44 3.81 -7.55
CA GLU A 150 18.38 2.96 -6.36
C GLU A 150 17.04 2.26 -6.28
N VAL A 151 15.95 2.97 -6.59
CA VAL A 151 14.63 2.35 -6.60
C VAL A 151 14.64 1.17 -7.56
N ASP A 152 15.19 1.38 -8.74
CA ASP A 152 15.18 0.34 -9.75
C ASP A 152 15.97 -0.89 -9.28
N GLU A 153 17.06 -0.68 -8.55
CA GLU A 153 17.82 -1.81 -8.01
C GLU A 153 16.93 -2.66 -7.11
N ILE A 154 16.20 -1.99 -6.23
CA ILE A 154 15.38 -2.68 -5.26
C ILE A 154 14.25 -3.41 -5.95
N LEU A 155 13.58 -2.74 -6.89
CA LEU A 155 12.41 -3.34 -7.52
C LEU A 155 12.82 -4.45 -8.49
N ARG A 156 13.95 -4.30 -9.18
CA ARG A 156 14.43 -5.39 -10.02
C ARG A 156 14.77 -6.62 -9.18
N LYS A 157 15.45 -6.43 -8.05
CA LYS A 157 15.71 -7.57 -7.19
C LYS A 157 14.43 -8.26 -6.76
N ALA A 158 13.39 -7.50 -6.45
CA ALA A 158 12.13 -8.11 -6.00
C ALA A 158 11.45 -8.87 -7.14
N GLU A 159 11.47 -8.33 -8.36
CA GLU A 159 10.95 -9.05 -9.51
C GLU A 159 11.73 -10.34 -9.73
N GLU A 160 13.06 -10.26 -9.59
CA GLU A 160 13.91 -11.42 -9.87
C GLU A 160 13.75 -12.47 -8.80
N ASP A 161 13.50 -12.07 -7.57
CA ASP A 161 13.32 -12.98 -6.44
C ASP A 161 11.96 -13.67 -6.44
N ARG A 162 11.09 -13.39 -7.41
CA ARG A 162 9.77 -14.01 -7.40
C ARG A 162 9.92 -15.51 -7.35
N GLU A 163 9.18 -16.13 -6.43
CA GLU A 163 9.34 -17.52 -6.10
C GLU A 163 8.78 -18.40 -7.22
C1 GOL B . 6.95 -9.30 -13.20
O1 GOL B . 5.86 -9.31 -14.09
C2 GOL B . 6.48 -10.14 -11.97
O2 GOL B . 6.11 -11.46 -12.33
C3 GOL B . 7.66 -10.17 -10.99
O3 GOL B . 7.13 -10.47 -9.70
H11 GOL B . 7.20 -8.41 -12.92
H12 GOL B . 7.74 -9.70 -13.58
HO1 GOL B . 6.05 -8.74 -14.70
H2 GOL B . 5.71 -9.72 -11.57
HO2 GOL B . 5.29 -11.44 -12.60
H31 GOL B . 8.12 -9.31 -11.03
H32 GOL B . 8.31 -10.82 -11.30
HO3 GOL B . 6.60 -9.83 -9.49
N1 WRL C . -5.44 5.72 5.12
N3 WRL C . -4.30 8.64 10.59
C4 WRL C . -4.09 5.35 5.54
C5 WRL C . -3.23 5.55 4.28
C6 WRL C . -3.34 6.98 3.74
C7 WRL C . -4.79 7.31 3.44
C8 WRL C . -5.67 7.11 4.67
C10 WRL C . -6.59 9.21 5.66
C13 WRL C . -2.78 8.95 8.34
C15 WRL C . -5.10 8.61 11.67
C17 WRL C . -5.69 6.36 11.31
C20 WRL C . -9.06 5.73 5.59
C21 WRL C . -10.07 6.02 6.50
C22 WRL C . -10.01 5.64 7.82
C1 WRL C . -8.88 4.96 8.23
C11 WRL C . -5.38 7.56 7.16
C12 WRL C . -3.33 7.56 8.61
C14 WRL C . -4.21 7.52 9.85
C16 WRL C . -5.79 7.50 12.07
C18 WRL C . -4.89 6.38 10.19
C19 WRL C . -3.41 6.04 6.71
C2 WRL C . -7.85 4.65 7.36
C3 WRL C . -7.93 5.06 6.04
C9 WRL C . -5.47 8.18 5.75
N2 WRL C . -4.05 7.00 7.43
O1 WRL C . -7.17 4.90 3.61
O2 WRL C . -6.22 10.35 6.42
O3 WRL C . -2.26 5.68 7.00
O4 WRL C . -6.11 3.38 5.25
S1 WRL C . -6.63 4.67 4.91
CL1 WRL C . -8.75 4.46 9.90
CL2 WRL C . -11.47 6.86 5.94
H2 WRL C . -4.21 4.43 5.89
H3 WRL C . -3.51 4.92 3.59
H4 WRL C . -2.28 5.36 4.50
H5 WRL C . -2.80 7.06 2.92
H6 WRL C . -2.99 7.62 4.39
H7 WRL C . -4.86 8.24 3.13
H8 WRL C . -5.12 6.73 2.72
H9 WRL C . -6.62 7.17 4.45
H12 WRL C . -7.43 8.82 6.01
H11 WRL C . -6.74 9.46 4.73
H18 WRL C . -2.31 9.27 9.12
H17 WRL C . -3.51 9.55 8.14
H19 WRL C . -2.17 8.91 7.58
H20 WRL C . -5.17 9.40 12.19
H22 WRL C . -6.15 5.58 11.56
H24 WRL C . -9.14 5.99 4.69
H25 WRL C . -10.71 5.83 8.43
H15 WRL C . -5.59 8.25 7.82
H14 WRL C . -6.05 6.85 7.23
H16 WRL C . -2.54 6.99 8.79
H21 WRL C . -6.33 7.52 12.85
H23 WRL C . -4.82 5.62 9.65
H1 WRL C . -7.10 4.17 7.66
H10 WRL C . -4.59 8.62 5.62
H13 WRL C . -6.88 10.89 6.44
P PO4 D . -3.12 -12.97 16.63
O1 PO4 D . -4.16 -13.79 15.90
O2 PO4 D . -3.80 -11.76 17.23
O3 PO4 D . -2.07 -12.51 15.63
O4 PO4 D . -2.49 -13.87 17.67
#